data_3RIY
#
_entry.id   3RIY
#
_cell.length_a   52.691
_cell.length_b   69.417
_cell.length_c   156.321
_cell.angle_alpha   90.000
_cell.angle_beta   90.000
_cell.angle_gamma   90.000
#
_symmetry.space_group_name_H-M   'P 21 21 21'
#
loop_
_entity.id
_entity.type
_entity.pdbx_description
1 polymer 'NAD-dependent deacetylase sirtuin-5'
2 polymer 'peptide of histone 3 N-succinyl lysine 9'
3 non-polymer 'ZINC ION'
4 non-polymer NICOTINAMIDE-ADENINE-DINUCLEOTIDE
5 water water
#
loop_
_entity_poly.entity_id
_entity_poly.type
_entity_poly.pdbx_seq_one_letter_code
_entity_poly.pdbx_strand_id
1 'polypeptide(L)'
;GSFTARPSSSMADFRKFFAKAKHIVIISGAGVSAESGVPTFRGAGGYWRKWQAQDLATPLAFAHNPSRVWEFYHYRREVM
GSKEPNAGHRAIAECETRLGKQGRRVVVITQNIDELHRKAGTKNLLEIHGSLFKTRCTSCGVVAENYKSPICPALSGKGA
PEPGTQDASIPVEKLPRCEEAGCGGLLRPHVVWFGENLDPAILEEVDRELAHCDLCLVVGTSSVVYPAAMFAPQVAARGV
PVAEFNTETTPATNRFRFHFQGPCGTTLPEALA
;
A,B
2 'polypeptide(L)' KQTAR(SLL)STGGKA C,D
#
loop_
_chem_comp.id
_chem_comp.type
_chem_comp.name
_chem_comp.formula
NAD non-polymer NICOTINAMIDE-ADENINE-DINUCLEOTIDE 'C21 H27 N7 O14 P2'
ZN non-polymer 'ZINC ION' 'Zn 2'
#
# COMPACT_ATOMS: atom_id res chain seq x y z
N SER A 2 -27.62 -0.96 -24.01
CA SER A 2 -26.87 -0.39 -22.85
C SER A 2 -27.36 -0.99 -21.53
N PHE A 3 -28.43 -1.79 -21.56
CA PHE A 3 -28.96 -2.28 -20.31
C PHE A 3 -27.97 -3.16 -19.56
N THR A 4 -27.37 -4.11 -20.28
CA THR A 4 -26.54 -5.13 -19.64
C THR A 4 -25.38 -4.41 -18.93
N ALA A 5 -25.24 -4.64 -17.63
CA ALA A 5 -24.11 -4.07 -16.92
C ALA A 5 -22.88 -4.95 -17.19
N ARG A 6 -21.78 -4.28 -17.60
CA ARG A 6 -20.46 -4.94 -17.74
C ARG A 6 -19.67 -4.29 -16.59
N PRO A 7 -18.67 -5.01 -15.99
CA PRO A 7 -18.10 -4.36 -14.82
C PRO A 7 -17.40 -3.07 -15.12
N SER A 8 -17.45 -2.16 -14.16
CA SER A 8 -16.83 -0.85 -14.28
C SER A 8 -15.33 -0.96 -13.96
N SER A 9 -14.54 -0.08 -14.57
CA SER A 9 -13.15 0.04 -14.16
C SER A 9 -12.90 1.36 -13.45
N SER A 10 -13.98 2.00 -12.96
CA SER A 10 -13.83 3.31 -12.34
C SER A 10 -13.38 3.16 -10.89
N MET A 11 -12.10 3.47 -10.68
CA MET A 11 -11.54 3.47 -9.31
C MET A 11 -12.25 4.52 -8.43
N ALA A 12 -12.60 5.69 -9.03
CA ALA A 12 -13.28 6.71 -8.23
C ALA A 12 -14.65 6.23 -7.77
N ASP A 13 -15.39 5.50 -8.62
CA ASP A 13 -16.71 5.05 -8.19
C ASP A 13 -16.53 3.97 -7.12
N PHE A 14 -15.50 3.10 -7.26
CA PHE A 14 -15.29 2.10 -6.20
C PHE A 14 -14.95 2.86 -4.89
N ARG A 15 -14.09 3.85 -4.98
CA ARG A 15 -13.68 4.51 -3.74
C ARG A 15 -14.78 5.28 -3.07
N LYS A 16 -15.80 5.73 -3.84
CA LYS A 16 -17.00 6.30 -3.17
C LYS A 16 -17.70 5.27 -2.30
N PHE A 17 -17.79 4.01 -2.76
CA PHE A 17 -18.37 2.98 -1.89
C PHE A 17 -17.43 2.64 -0.75
N PHE A 18 -16.13 2.55 -1.05
CA PHE A 18 -15.18 2.25 0.00
C PHE A 18 -15.21 3.25 1.18
N ALA A 19 -15.35 4.56 0.86
CA ALA A 19 -15.36 5.59 1.94
C ALA A 19 -16.46 5.35 2.95
N LYS A 20 -17.59 4.75 2.50
CA LYS A 20 -18.82 4.65 3.35
C LYS A 20 -18.99 3.24 3.92
N ALA A 21 -18.22 2.28 3.40
CA ALA A 21 -18.54 0.87 3.71
C ALA A 21 -18.25 0.58 5.20
N LYS A 22 -19.21 -0.04 5.86
CA LYS A 22 -19.07 -0.41 7.30
C LYS A 22 -18.55 -1.84 7.50
N HIS A 23 -18.64 -2.69 6.46
CA HIS A 23 -18.27 -4.11 6.63
C HIS A 23 -17.81 -4.68 5.33
N ILE A 24 -16.48 -4.81 5.18
CA ILE A 24 -15.89 -5.20 3.91
C ILE A 24 -15.40 -6.61 4.04
N VAL A 25 -15.77 -7.45 3.07
CA VAL A 25 -15.25 -8.80 2.97
C VAL A 25 -14.25 -8.83 1.85
N ILE A 26 -13.05 -9.32 2.16
CA ILE A 26 -12.05 -9.46 1.10
C ILE A 26 -11.78 -10.94 0.93
N ILE A 27 -12.07 -11.48 -0.24
CA ILE A 27 -11.85 -12.92 -0.55
C ILE A 27 -10.58 -12.99 -1.38
N SER A 28 -9.65 -13.84 -0.97
CA SER A 28 -8.36 -13.93 -1.75
C SER A 28 -8.02 -15.34 -2.16
N GLY A 29 -7.37 -15.41 -3.32
CA GLY A 29 -6.73 -16.71 -3.77
C GLY A 29 -5.25 -16.47 -3.99
N ALA A 30 -4.67 -17.39 -4.76
CA ALA A 30 -3.21 -17.43 -4.82
C ALA A 30 -2.61 -16.22 -5.50
N GLY A 31 -3.40 -15.51 -6.34
CA GLY A 31 -2.83 -14.31 -6.93
C GLY A 31 -2.41 -13.21 -5.96
N VAL A 32 -2.96 -13.22 -4.76
CA VAL A 32 -2.53 -12.18 -3.81
C VAL A 32 -1.13 -12.47 -3.26
N SER A 33 -0.62 -13.69 -3.47
CA SER A 33 0.74 -14.03 -2.98
C SER A 33 1.72 -14.17 -4.10
N ALA A 34 1.29 -14.03 -5.34
CA ALA A 34 2.22 -14.20 -6.45
C ALA A 34 3.36 -13.19 -6.40
N GLU A 35 3.08 -11.98 -5.96
CA GLU A 35 4.12 -10.93 -5.89
C GLU A 35 5.05 -11.08 -4.65
N SER A 36 4.83 -12.11 -3.84
CA SER A 36 5.82 -12.46 -2.81
C SER A 36 6.74 -13.55 -3.35
N GLY A 37 6.55 -13.97 -4.60
CA GLY A 37 7.42 -15.06 -5.14
C GLY A 37 6.83 -16.44 -4.92
N VAL A 38 5.50 -16.53 -4.65
CA VAL A 38 4.79 -17.80 -4.43
C VAL A 38 3.94 -18.02 -5.66
N PRO A 39 4.30 -18.97 -6.52
CA PRO A 39 3.54 -19.07 -7.79
C PRO A 39 2.13 -19.55 -7.50
N THR A 40 1.21 -19.13 -8.36
CA THR A 40 -0.12 -19.71 -8.34
C THR A 40 -0.08 -21.10 -8.95
N PHE A 41 -1.23 -21.77 -8.95
CA PHE A 41 -1.28 -23.05 -9.70
C PHE A 41 -1.86 -22.95 -11.09
N ARG A 42 -1.95 -21.75 -11.65
CA ARG A 42 -2.62 -21.63 -12.90
C ARG A 42 -1.79 -22.07 -14.03
N GLY A 43 -0.49 -21.83 -13.97
CA GLY A 43 0.29 -22.11 -15.20
C GLY A 43 1.35 -23.14 -14.88
N ALA A 44 2.59 -22.81 -15.25
CA ALA A 44 3.74 -23.62 -14.93
C ALA A 44 3.91 -23.86 -13.43
N GLY A 45 3.47 -22.92 -12.57
CA GLY A 45 3.58 -23.08 -11.13
C GLY A 45 2.60 -24.11 -10.53
N GLY A 46 1.64 -24.55 -11.34
CA GLY A 46 0.74 -25.62 -10.95
C GLY A 46 1.32 -26.98 -11.16
N TYR A 47 2.59 -27.05 -11.63
CA TYR A 47 3.24 -28.36 -11.72
C TYR A 47 4.28 -28.57 -10.62
N TRP A 48 4.25 -29.76 -10.02
CA TRP A 48 5.32 -30.16 -9.10
C TRP A 48 5.72 -31.56 -9.59
N ARG A 49 6.98 -31.72 -9.99
CA ARG A 49 7.38 -32.91 -10.76
C ARG A 49 6.36 -33.05 -11.88
N LYS A 50 5.83 -34.25 -12.16
CA LYS A 50 4.96 -34.32 -13.33
C LYS A 50 3.52 -33.97 -13.05
N TRP A 51 3.21 -33.80 -11.76
N TRP A 51 3.23 -33.57 -11.80
CA TRP A 51 1.79 -33.75 -11.37
CA TRP A 51 1.87 -33.50 -11.27
C TRP A 51 1.33 -32.35 -11.31
C TRP A 51 1.21 -32.16 -11.31
N GLN A 52 0.06 -32.18 -11.68
N GLN A 52 -0.06 -32.09 -11.72
CA GLN A 52 -0.60 -30.94 -11.34
CA GLN A 52 -0.76 -30.88 -11.40
C GLN A 52 -0.97 -30.90 -9.87
C GLN A 52 -1.04 -30.87 -9.91
N ALA A 53 -0.85 -29.73 -9.31
CA ALA A 53 -1.14 -29.54 -7.89
C ALA A 53 -2.50 -30.09 -7.37
N GLN A 54 -3.57 -29.91 -8.14
N GLN A 54 -3.57 -29.88 -8.14
CA GLN A 54 -4.93 -30.50 -7.81
CA GLN A 54 -4.89 -30.46 -7.81
C GLN A 54 -4.97 -32.03 -7.84
C GLN A 54 -4.87 -31.97 -7.69
N ASP A 55 -3.94 -32.65 -8.38
CA ASP A 55 -3.88 -34.10 -8.34
C ASP A 55 -3.09 -34.62 -7.15
N LEU A 56 -2.42 -33.70 -6.44
CA LEU A 56 -1.72 -34.11 -5.23
C LEU A 56 -2.53 -33.71 -3.98
N ALA A 57 -3.26 -32.60 -4.07
CA ALA A 57 -4.08 -32.14 -2.94
C ALA A 57 -5.43 -32.82 -2.93
N THR A 58 -5.38 -34.13 -2.70
CA THR A 58 -6.57 -34.98 -2.72
CA THR A 58 -6.52 -35.02 -2.83
C THR A 58 -6.34 -36.14 -1.76
N PRO A 59 -7.41 -36.56 -1.04
CA PRO A 59 -7.24 -37.68 -0.11
C PRO A 59 -6.95 -39.03 -0.83
N LEU A 60 -7.30 -39.16 -2.10
CA LEU A 60 -6.97 -40.42 -2.86
C LEU A 60 -5.45 -40.48 -3.10
N ALA A 61 -4.82 -39.34 -3.42
CA ALA A 61 -3.34 -39.38 -3.58
C ALA A 61 -2.74 -39.72 -2.20
N PHE A 62 -3.22 -39.09 -1.12
CA PHE A 62 -2.63 -39.32 0.18
C PHE A 62 -2.84 -40.76 0.67
N ALA A 63 -3.98 -41.37 0.34
CA ALA A 63 -4.21 -42.73 0.80
C ALA A 63 -3.28 -43.67 0.07
N HIS A 64 -3.02 -43.42 -1.22
CA HIS A 64 -2.29 -44.41 -2.04
C HIS A 64 -0.82 -44.10 -2.22
N ASN A 65 -0.40 -42.89 -1.84
CA ASN A 65 1.04 -42.56 -1.95
C ASN A 65 1.31 -41.40 -0.97
N PRO A 66 1.20 -41.67 0.34
CA PRO A 66 1.35 -40.56 1.28
C PRO A 66 2.75 -39.95 1.24
N SER A 67 3.79 -40.74 0.90
CA SER A 67 5.13 -40.16 0.84
C SER A 67 5.19 -39.07 -0.26
N ARG A 68 4.55 -39.34 -1.42
CA ARG A 68 4.56 -38.35 -2.52
C ARG A 68 3.84 -37.06 -2.09
N VAL A 69 2.69 -37.20 -1.42
CA VAL A 69 1.91 -36.02 -1.03
C VAL A 69 2.68 -35.26 0.06
N TRP A 70 3.35 -36.00 0.98
CA TRP A 70 4.13 -35.29 2.00
C TRP A 70 5.37 -34.60 1.37
N GLU A 71 6.00 -35.18 0.34
CA GLU A 71 7.12 -34.52 -0.31
C GLU A 71 6.68 -33.18 -0.91
N PHE A 72 5.48 -33.15 -1.51
CA PHE A 72 4.93 -31.95 -2.12
C PHE A 72 4.63 -30.89 -1.03
N TYR A 73 3.98 -31.30 0.07
CA TYR A 73 3.72 -30.30 1.13
C TYR A 73 5.03 -29.86 1.82
N HIS A 74 6.00 -30.76 1.93
CA HIS A 74 7.24 -30.40 2.57
C HIS A 74 7.98 -29.35 1.70
N TYR A 75 8.03 -29.57 0.38
CA TYR A 75 8.57 -28.61 -0.54
C TYR A 75 7.93 -27.24 -0.28
N ARG A 76 6.60 -27.20 -0.28
CA ARG A 76 5.90 -25.93 -0.08
C ARG A 76 6.18 -25.27 1.25
N ARG A 77 6.17 -26.05 2.35
CA ARG A 77 6.51 -25.51 3.63
C ARG A 77 7.89 -24.89 3.62
N GLU A 78 8.88 -25.61 3.03
CA GLU A 78 10.25 -25.07 3.11
CA GLU A 78 10.30 -25.14 2.99
C GLU A 78 10.43 -23.84 2.28
N VAL A 79 9.79 -23.80 1.10
CA VAL A 79 9.85 -22.59 0.24
C VAL A 79 9.17 -21.41 0.96
N MET A 80 8.05 -21.66 1.62
CA MET A 80 7.27 -20.59 2.24
C MET A 80 7.94 -19.93 3.44
N GLY A 81 8.87 -20.64 4.07
CA GLY A 81 9.47 -20.11 5.32
C GLY A 81 10.09 -18.74 5.08
N SER A 82 10.69 -18.47 3.90
CA SER A 82 11.44 -17.18 3.70
C SER A 82 10.60 -16.15 2.98
N LYS A 83 9.34 -16.51 2.63
CA LYS A 83 8.55 -15.58 1.82
CA LYS A 83 8.56 -15.58 1.82
C LYS A 83 7.96 -14.51 2.75
N GLU A 84 7.80 -13.33 2.16
CA GLU A 84 7.40 -12.13 2.93
C GLU A 84 6.08 -11.55 2.36
N PRO A 85 5.32 -10.89 3.21
CA PRO A 85 4.12 -10.20 2.70
C PRO A 85 4.48 -9.19 1.64
N ASN A 86 3.59 -9.05 0.65
CA ASN A 86 3.81 -8.08 -0.43
C ASN A 86 2.90 -6.87 -0.22
N ALA A 87 3.00 -5.91 -1.14
CA ALA A 87 2.19 -4.70 -1.00
C ALA A 87 0.70 -4.95 -0.96
N GLY A 88 0.21 -5.96 -1.69
CA GLY A 88 -1.17 -6.34 -1.58
C GLY A 88 -1.58 -6.86 -0.24
N HIS A 89 -0.75 -7.78 0.31
CA HIS A 89 -1.12 -8.27 1.64
C HIS A 89 -1.07 -7.08 2.65
N ARG A 90 -0.10 -6.19 2.50
CA ARG A 90 0.03 -5.08 3.45
C ARG A 90 -1.15 -4.14 3.34
N ALA A 91 -1.59 -3.81 2.11
CA ALA A 91 -2.75 -2.91 1.96
C ALA A 91 -3.95 -3.48 2.69
N ILE A 92 -4.15 -4.79 2.49
CA ILE A 92 -5.26 -5.51 3.14
C ILE A 92 -5.22 -5.45 4.66
N ALA A 93 -4.05 -5.68 5.21
CA ALA A 93 -3.86 -5.59 6.62
C ALA A 93 -3.98 -4.19 7.20
N GLU A 94 -3.42 -3.22 6.50
CA GLU A 94 -3.44 -1.84 7.00
CA GLU A 94 -3.46 -1.85 7.04
C GLU A 94 -4.85 -1.28 6.92
N CYS A 95 -5.56 -1.66 5.85
CA CYS A 95 -6.99 -1.25 5.70
C CYS A 95 -7.78 -1.75 6.92
N GLU A 96 -7.63 -3.04 7.27
CA GLU A 96 -8.36 -3.59 8.46
C GLU A 96 -7.99 -2.76 9.69
N THR A 97 -6.70 -2.47 9.88
CA THR A 97 -6.32 -1.77 11.14
C THR A 97 -6.93 -0.37 11.17
N ARG A 98 -6.82 0.35 10.03
CA ARG A 98 -7.29 1.75 10.02
C ARG A 98 -8.83 1.79 10.17
N LEU A 99 -9.56 0.91 9.46
CA LEU A 99 -11.00 0.97 9.53
C LEU A 99 -11.46 0.48 10.92
N GLY A 100 -10.75 -0.48 11.54
CA GLY A 100 -11.13 -0.99 12.85
C GLY A 100 -11.16 0.11 13.94
N LYS A 101 -10.22 1.05 13.83
CA LYS A 101 -10.20 2.22 14.71
C LYS A 101 -11.40 3.11 14.55
N GLN A 102 -12.05 3.09 13.39
CA GLN A 102 -13.27 3.84 13.12
C GLN A 102 -14.52 3.02 13.37
N GLY A 103 -14.38 1.84 13.95
CA GLY A 103 -15.55 0.95 14.16
C GLY A 103 -16.07 0.30 12.87
N ARG A 104 -15.25 0.21 11.84
CA ARG A 104 -15.66 -0.42 10.57
C ARG A 104 -14.94 -1.74 10.43
N ARG A 105 -15.66 -2.75 9.92
CA ARG A 105 -15.11 -4.13 9.97
C ARG A 105 -14.53 -4.49 8.62
N VAL A 106 -13.35 -5.10 8.66
CA VAL A 106 -12.75 -5.74 7.45
C VAL A 106 -12.45 -7.18 7.80
N VAL A 107 -12.87 -8.13 6.96
CA VAL A 107 -12.50 -9.54 7.21
CA VAL A 107 -12.58 -9.58 7.20
C VAL A 107 -11.98 -10.13 5.93
N VAL A 108 -10.97 -10.98 6.08
CA VAL A 108 -10.34 -11.67 4.95
C VAL A 108 -10.73 -13.14 4.95
N ILE A 109 -11.26 -13.59 3.83
CA ILE A 109 -11.67 -15.00 3.63
C ILE A 109 -10.71 -15.52 2.57
N THR A 110 -9.74 -16.33 2.99
CA THR A 110 -8.71 -16.73 2.01
C THR A 110 -8.75 -18.21 1.67
N GLN A 111 -8.63 -18.51 0.36
CA GLN A 111 -8.37 -19.85 -0.13
C GLN A 111 -6.92 -20.31 0.18
N ASN A 112 -6.02 -19.38 0.49
CA ASN A 112 -4.58 -19.69 0.62
C ASN A 112 -4.28 -20.32 1.95
N ILE A 113 -3.34 -21.25 1.92
CA ILE A 113 -2.84 -21.92 3.14
C ILE A 113 -1.48 -21.36 3.57
N ASP A 114 -1.01 -20.29 2.90
CA ASP A 114 0.37 -19.80 3.08
C ASP A 114 0.62 -18.99 4.36
N GLU A 115 -0.45 -18.57 5.06
CA GLU A 115 -0.36 -17.72 6.24
C GLU A 115 0.20 -16.34 5.96
N LEU A 116 0.43 -15.95 4.68
CA LEU A 116 1.06 -14.59 4.47
C LEU A 116 0.12 -13.45 4.88
N HIS A 117 -1.21 -13.70 4.89
CA HIS A 117 -2.09 -12.62 5.38
C HIS A 117 -1.81 -12.43 6.85
N ARG A 118 -1.56 -13.53 7.62
CA ARG A 118 -1.25 -13.40 9.06
CA ARG A 118 -1.30 -13.30 9.04
C ARG A 118 0.06 -12.64 9.25
N LYS A 119 1.07 -13.01 8.46
CA LYS A 119 2.38 -12.40 8.57
C LYS A 119 2.29 -10.89 8.24
N ALA A 120 1.37 -10.54 7.35
CA ALA A 120 1.18 -9.15 6.93
C ALA A 120 0.52 -8.29 8.01
N GLY A 121 -0.16 -8.92 8.98
CA GLY A 121 -0.85 -8.19 10.05
C GLY A 121 -2.39 -8.28 10.08
N THR A 122 -2.97 -9.10 9.21
CA THR A 122 -4.44 -9.25 9.22
C THR A 122 -4.83 -9.99 10.46
N LYS A 123 -5.86 -9.51 11.14
CA LYS A 123 -6.36 -10.15 12.36
C LYS A 123 -7.61 -11.00 12.07
N ASN A 124 -8.56 -10.39 11.33
CA ASN A 124 -9.82 -11.11 11.06
C ASN A 124 -9.62 -11.94 9.82
N LEU A 125 -9.17 -13.17 10.03
CA LEU A 125 -8.77 -14.04 8.88
C LEU A 125 -9.50 -15.38 9.02
N LEU A 126 -10.16 -15.77 7.95
CA LEU A 126 -10.79 -17.13 7.84
C LEU A 126 -9.97 -17.89 6.80
N GLU A 127 -9.22 -18.88 7.30
CA GLU A 127 -8.41 -19.70 6.41
C GLU A 127 -9.23 -20.93 5.98
N ILE A 128 -9.97 -20.80 4.89
CA ILE A 128 -11.06 -21.76 4.62
C ILE A 128 -10.52 -23.12 4.13
N HIS A 129 -9.24 -23.14 3.70
CA HIS A 129 -8.65 -24.41 3.23
C HIS A 129 -7.57 -24.90 4.18
N GLY A 130 -7.51 -24.33 5.39
CA GLY A 130 -6.49 -24.80 6.32
C GLY A 130 -5.19 -24.06 6.22
N SER A 131 -4.09 -24.73 6.69
CA SER A 131 -2.83 -24.04 6.78
C SER A 131 -1.67 -25.01 6.43
N LEU A 132 -0.70 -24.48 5.69
CA LEU A 132 0.53 -25.21 5.36
C LEU A 132 1.33 -25.61 6.59
N PHE A 133 1.07 -24.88 7.68
CA PHE A 133 1.84 -25.02 8.92
C PHE A 133 1.01 -25.61 10.05
N LYS A 134 0.04 -26.44 9.67
CA LYS A 134 -0.68 -27.26 10.62
CA LYS A 134 -0.68 -27.25 10.62
C LYS A 134 -0.73 -28.68 10.15
N THR A 135 -0.74 -29.59 11.14
CA THR A 135 -0.94 -30.99 10.84
C THR A 135 -2.28 -31.45 11.46
N ARG A 136 -2.82 -32.55 10.93
CA ARG A 136 -3.97 -33.22 11.55
C ARG A 136 -3.67 -34.70 11.65
N CYS A 137 -3.92 -35.32 12.82
CA CYS A 137 -3.66 -36.76 12.94
C CYS A 137 -4.78 -37.57 12.31
N THR A 138 -4.41 -38.45 11.42
CA THR A 138 -5.39 -39.36 10.75
C THR A 138 -5.93 -40.44 11.71
N SER A 139 -5.30 -40.60 12.86
CA SER A 139 -5.80 -41.53 13.94
C SER A 139 -6.65 -40.86 15.02
N CYS A 140 -6.16 -39.81 15.75
CA CYS A 140 -6.90 -39.23 16.86
C CYS A 140 -7.58 -37.91 16.46
N GLY A 141 -7.29 -37.37 15.26
CA GLY A 141 -7.94 -36.13 14.80
C GLY A 141 -7.34 -34.81 15.32
N VAL A 142 -6.30 -34.88 16.16
CA VAL A 142 -5.82 -33.66 16.78
C VAL A 142 -5.10 -32.77 15.72
N VAL A 143 -5.33 -31.47 15.81
CA VAL A 143 -4.75 -30.49 14.91
C VAL A 143 -3.68 -29.76 15.74
N ALA A 144 -2.50 -29.55 15.14
CA ALA A 144 -1.41 -28.87 15.81
C ALA A 144 -0.73 -27.92 14.83
N GLU A 145 -0.23 -26.83 15.36
CA GLU A 145 0.72 -25.99 14.60
C GLU A 145 2.02 -26.72 14.42
N ASN A 146 2.62 -26.53 13.26
CA ASN A 146 3.91 -27.18 13.01
C ASN A 146 4.73 -26.39 11.98
N TYR A 147 5.84 -25.79 12.46
CA TYR A 147 6.72 -24.99 11.65
C TYR A 147 8.07 -25.63 11.52
N LYS A 148 8.18 -26.89 11.95
CA LYS A 148 9.54 -27.46 12.04
C LYS A 148 10.13 -27.68 10.63
N SER A 149 11.44 -27.38 10.49
CA SER A 149 12.16 -27.55 9.22
C SER A 149 13.31 -28.54 9.51
N PRO A 150 13.29 -29.79 8.94
CA PRO A 150 12.20 -30.37 8.16
C PRO A 150 11.16 -31.02 9.12
N ILE A 151 9.94 -31.16 8.64
CA ILE A 151 8.89 -31.68 9.56
C ILE A 151 9.20 -33.06 10.22
N CYS A 152 9.89 -33.92 9.45
CA CYS A 152 10.42 -35.15 10.05
C CYS A 152 11.73 -35.46 9.38
N PRO A 153 12.55 -36.27 10.07
CA PRO A 153 13.89 -36.52 9.55
C PRO A 153 13.92 -37.14 8.16
N ALA A 154 12.95 -38.02 7.82
CA ALA A 154 13.01 -38.67 6.52
C ALA A 154 12.80 -37.70 5.36
N LEU A 155 12.17 -36.53 5.65
CA LEU A 155 11.93 -35.52 4.64
C LEU A 155 13.07 -34.52 4.50
N SER A 156 14.16 -34.69 5.28
CA SER A 156 15.27 -33.76 5.17
C SER A 156 15.89 -33.82 3.78
N GLY A 157 15.99 -32.68 3.12
CA GLY A 157 16.56 -32.66 1.78
C GLY A 157 15.67 -33.17 0.63
N LYS A 158 14.43 -33.52 0.96
CA LYS A 158 13.48 -34.04 -0.06
C LYS A 158 12.56 -32.92 -0.59
N GLY A 159 11.68 -33.30 -1.51
CA GLY A 159 10.70 -32.37 -2.08
C GLY A 159 11.12 -31.64 -3.33
N ALA A 160 12.29 -31.91 -3.93
CA ALA A 160 12.70 -31.08 -5.08
C ALA A 160 11.65 -31.21 -6.19
N PRO A 161 11.35 -30.11 -6.87
CA PRO A 161 10.16 -30.04 -7.76
C PRO A 161 10.41 -30.38 -9.19
N GLU A 162 11.67 -30.55 -9.61
CA GLU A 162 11.90 -30.67 -11.07
C GLU A 162 11.40 -32.03 -11.60
N PRO A 163 10.70 -32.00 -12.74
CA PRO A 163 10.42 -33.26 -13.45
C PRO A 163 11.72 -34.08 -13.64
N GLY A 164 11.61 -35.36 -13.36
CA GLY A 164 12.75 -36.25 -13.39
C GLY A 164 13.33 -36.53 -12.01
N THR A 165 12.95 -35.74 -10.99
CA THR A 165 13.34 -36.07 -9.66
C THR A 165 12.66 -37.35 -9.22
N GLN A 166 13.42 -38.26 -8.62
CA GLN A 166 12.91 -39.49 -8.06
C GLN A 166 12.10 -39.30 -6.80
N ASP A 167 11.12 -40.15 -6.62
CA ASP A 167 10.36 -40.08 -5.38
C ASP A 167 11.17 -40.61 -4.22
N ALA A 168 10.98 -39.97 -3.04
CA ALA A 168 11.72 -40.37 -1.81
C ALA A 168 11.23 -41.73 -1.33
N SER A 169 9.98 -42.06 -1.57
CA SER A 169 9.41 -43.41 -1.18
C SER A 169 9.65 -43.76 0.26
N ILE A 170 9.30 -42.83 1.12
CA ILE A 170 9.53 -42.97 2.57
C ILE A 170 8.50 -43.93 3.14
N PRO A 171 8.93 -44.94 3.91
CA PRO A 171 7.96 -45.88 4.49
C PRO A 171 7.00 -45.07 5.38
N VAL A 172 5.77 -45.49 5.42
CA VAL A 172 4.74 -44.71 6.12
C VAL A 172 5.09 -44.47 7.62
N GLU A 173 5.80 -45.43 8.22
CA GLU A 173 6.14 -45.29 9.62
C GLU A 173 7.09 -44.14 9.85
N LYS A 174 7.80 -43.71 8.81
CA LYS A 174 8.81 -42.65 8.89
CA LYS A 174 8.80 -42.64 8.92
C LYS A 174 8.32 -41.29 8.40
N LEU A 175 7.08 -41.22 7.95
CA LEU A 175 6.45 -39.95 7.64
C LEU A 175 6.06 -39.29 8.97
N PRO A 176 5.54 -38.03 8.93
CA PRO A 176 5.27 -37.37 10.23
C PRO A 176 4.28 -38.13 11.03
N ARG A 177 4.63 -38.35 12.28
CA ARG A 177 3.77 -39.13 13.20
C ARG A 177 3.29 -38.30 14.39
N CYS A 178 2.12 -38.68 14.88
CA CYS A 178 1.48 -37.97 16.02
C CYS A 178 2.21 -38.18 17.34
N GLU A 179 2.51 -37.13 18.07
CA GLU A 179 3.21 -37.22 19.34
C GLU A 179 2.29 -36.97 20.51
N GLU A 180 0.98 -36.90 20.28
CA GLU A 180 0.04 -36.42 21.32
C GLU A 180 -0.35 -37.64 22.15
N ALA A 181 -0.15 -37.60 23.49
CA ALA A 181 -0.53 -38.72 24.42
C ALA A 181 -0.04 -40.07 23.86
N GLY A 182 1.15 -40.03 23.31
CA GLY A 182 1.79 -41.22 22.73
C GLY A 182 1.01 -41.88 21.60
N CYS A 183 0.14 -41.14 20.89
CA CYS A 183 -0.75 -41.74 19.84
C CYS A 183 0.01 -42.50 18.71
N GLY A 184 1.05 -41.86 18.13
CA GLY A 184 1.79 -42.42 17.01
C GLY A 184 1.14 -42.50 15.62
N GLY A 185 -0.10 -42.00 15.45
CA GLY A 185 -0.77 -42.07 14.12
C GLY A 185 -0.12 -41.28 13.01
N LEU A 186 -0.41 -41.62 11.77
CA LEU A 186 0.11 -40.87 10.61
C LEU A 186 -0.49 -39.47 10.56
N LEU A 187 0.34 -38.44 10.49
CA LEU A 187 -0.17 -37.07 10.30
C LEU A 187 -0.36 -36.77 8.86
N ARG A 188 -1.36 -35.89 8.61
CA ARG A 188 -1.50 -35.30 7.27
C ARG A 188 -1.41 -33.81 7.36
N PRO A 189 -1.21 -33.11 6.23
CA PRO A 189 -1.38 -31.61 6.33
C PRO A 189 -2.82 -31.28 6.73
N HIS A 190 -3.00 -30.24 7.53
CA HIS A 190 -4.32 -29.77 7.89
C HIS A 190 -4.76 -28.77 6.81
N VAL A 191 -5.03 -29.34 5.65
CA VAL A 191 -5.34 -28.61 4.43
C VAL A 191 -6.59 -29.28 3.89
N VAL A 192 -7.58 -28.48 3.45
CA VAL A 192 -8.77 -29.06 2.82
C VAL A 192 -8.41 -29.44 1.40
N TRP A 193 -8.60 -30.72 1.07
CA TRP A 193 -8.24 -31.16 -0.28
C TRP A 193 -9.43 -31.26 -1.23
N PHE A 194 -9.10 -31.29 -2.51
CA PHE A 194 -10.12 -31.46 -3.62
C PHE A 194 -10.83 -32.77 -3.33
N GLY A 195 -12.16 -32.72 -3.32
CA GLY A 195 -12.96 -33.86 -2.92
C GLY A 195 -13.35 -33.93 -1.45
N GLU A 196 -12.88 -33.01 -0.59
CA GLU A 196 -13.24 -33.01 0.79
C GLU A 196 -14.15 -31.81 1.16
N ASN A 197 -14.85 -31.87 2.28
CA ASN A 197 -15.76 -30.81 2.71
C ASN A 197 -14.99 -29.82 3.52
N LEU A 198 -15.26 -28.53 3.31
CA LEU A 198 -14.73 -27.50 4.17
C LEU A 198 -15.37 -27.64 5.53
N ASP A 199 -14.72 -27.08 6.55
CA ASP A 199 -15.22 -27.20 7.92
C ASP A 199 -16.58 -26.49 8.05
N PRO A 200 -17.60 -27.17 8.59
CA PRO A 200 -18.89 -26.48 8.76
C PRO A 200 -18.92 -25.21 9.59
N ALA A 201 -18.11 -25.13 10.66
CA ALA A 201 -18.08 -23.97 11.54
C ALA A 201 -17.48 -22.80 10.71
N ILE A 202 -16.49 -23.11 9.86
CA ILE A 202 -15.88 -22.03 9.09
C ILE A 202 -16.89 -21.51 8.07
N LEU A 203 -17.59 -22.44 7.42
CA LEU A 203 -18.63 -22.06 6.46
C LEU A 203 -19.73 -21.27 7.08
N GLU A 204 -20.13 -21.61 8.30
CA GLU A 204 -21.16 -20.78 8.94
C GLU A 204 -20.63 -19.33 9.18
N GLU A 205 -19.33 -19.18 9.55
CA GLU A 205 -18.80 -17.82 9.74
CA GLU A 205 -18.76 -17.84 9.74
C GLU A 205 -18.71 -17.09 8.41
N VAL A 206 -18.30 -17.78 7.37
CA VAL A 206 -18.26 -17.23 6.00
C VAL A 206 -19.69 -16.74 5.66
N ASP A 207 -20.71 -17.57 5.93
CA ASP A 207 -22.07 -17.15 5.47
C ASP A 207 -22.49 -15.89 6.21
N ARG A 208 -22.18 -15.81 7.50
CA ARG A 208 -22.51 -14.61 8.28
C ARG A 208 -21.81 -13.35 7.71
N GLU A 209 -20.53 -13.46 7.37
CA GLU A 209 -19.82 -12.29 6.84
C GLU A 209 -20.45 -11.91 5.48
N LEU A 210 -20.69 -12.90 4.61
CA LEU A 210 -21.21 -12.57 3.28
C LEU A 210 -22.56 -11.92 3.39
N ALA A 211 -23.37 -12.41 4.34
CA ALA A 211 -24.76 -11.87 4.45
C ALA A 211 -24.78 -10.46 4.98
N HIS A 212 -23.78 -10.11 5.77
CA HIS A 212 -23.81 -8.82 6.46
C HIS A 212 -22.93 -7.74 5.80
N CYS A 213 -22.06 -8.14 4.89
CA CYS A 213 -21.15 -7.13 4.36
C CYS A 213 -21.86 -6.12 3.45
N ASP A 214 -21.25 -4.93 3.29
CA ASP A 214 -21.80 -3.93 2.37
C ASP A 214 -20.84 -3.58 1.27
N LEU A 215 -19.70 -4.29 1.20
CA LEU A 215 -18.78 -4.13 0.09
C LEU A 215 -17.88 -5.37 0.09
N CYS A 216 -17.59 -5.87 -1.09
CA CYS A 216 -16.77 -7.06 -1.16
C CYS A 216 -15.67 -6.89 -2.21
N LEU A 217 -14.45 -7.38 -1.92
CA LEU A 217 -13.36 -7.42 -2.91
C LEU A 217 -13.01 -8.87 -3.13
N VAL A 218 -12.73 -9.24 -4.36
CA VAL A 218 -12.44 -10.64 -4.66
C VAL A 218 -11.10 -10.59 -5.43
N VAL A 219 -10.05 -11.05 -4.77
CA VAL A 219 -8.68 -10.68 -5.13
C VAL A 219 -7.83 -11.90 -5.50
N GLY A 220 -7.29 -11.96 -6.71
CA GLY A 220 -6.27 -13.01 -6.99
C GLY A 220 -6.84 -14.43 -6.92
N THR A 221 -8.10 -14.59 -7.26
CA THR A 221 -8.72 -15.94 -7.34
C THR A 221 -9.29 -16.18 -8.72
N SER A 222 -9.19 -17.43 -9.12
CA SER A 222 -9.65 -17.84 -10.47
C SER A 222 -11.17 -17.97 -10.52
N SER A 223 -11.80 -18.01 -9.34
CA SER A 223 -13.24 -18.21 -9.23
C SER A 223 -13.69 -19.48 -10.00
N VAL A 224 -12.83 -20.50 -10.02
CA VAL A 224 -13.22 -21.84 -10.43
C VAL A 224 -13.07 -22.91 -9.35
N VAL A 225 -12.51 -22.54 -8.19
CA VAL A 225 -12.43 -23.45 -7.04
C VAL A 225 -13.66 -23.25 -6.20
N TYR A 226 -14.48 -24.30 -6.09
CA TYR A 226 -15.72 -24.29 -5.29
C TYR A 226 -15.47 -24.92 -3.94
N PRO A 227 -16.24 -24.51 -2.88
CA PRO A 227 -17.35 -23.57 -2.94
C PRO A 227 -16.91 -22.10 -2.93
N ALA A 228 -15.62 -21.84 -2.73
CA ALA A 228 -15.18 -20.44 -2.58
C ALA A 228 -15.64 -19.57 -3.77
N ALA A 229 -15.62 -20.13 -5.00
CA ALA A 229 -15.99 -19.38 -6.19
C ALA A 229 -17.37 -18.77 -6.11
N MET A 230 -18.24 -19.36 -5.25
CA MET A 230 -19.62 -18.80 -5.25
CA MET A 230 -19.67 -18.94 -5.04
C MET A 230 -19.83 -17.72 -4.18
N PHE A 231 -18.80 -17.45 -3.37
CA PHE A 231 -18.94 -16.46 -2.29
C PHE A 231 -19.16 -15.05 -2.85
N ALA A 232 -18.26 -14.56 -3.74
CA ALA A 232 -18.43 -13.17 -4.14
C ALA A 232 -19.69 -13.01 -5.02
N PRO A 233 -20.00 -14.00 -5.90
CA PRO A 233 -21.30 -13.86 -6.65
C PRO A 233 -22.48 -13.82 -5.72
N GLN A 234 -22.47 -14.53 -4.56
CA GLN A 234 -23.59 -14.46 -3.63
CA GLN A 234 -23.61 -14.44 -3.65
C GLN A 234 -23.76 -13.03 -3.13
N VAL A 235 -22.66 -12.36 -2.85
CA VAL A 235 -22.74 -10.98 -2.37
C VAL A 235 -23.25 -10.05 -3.50
N ALA A 236 -22.70 -10.19 -4.71
CA ALA A 236 -23.13 -9.37 -5.83
C ALA A 236 -24.60 -9.53 -6.12
N ALA A 237 -25.12 -10.76 -6.01
CA ALA A 237 -26.51 -11.01 -6.36
C ALA A 237 -27.50 -10.48 -5.27
N ARG A 238 -26.98 -10.04 -4.10
CA ARG A 238 -27.81 -9.32 -3.10
C ARG A 238 -27.86 -7.82 -3.46
N GLY A 239 -27.14 -7.44 -4.52
CA GLY A 239 -27.03 -6.06 -4.99
C GLY A 239 -25.94 -5.25 -4.29
N VAL A 240 -25.00 -5.95 -3.66
CA VAL A 240 -23.90 -5.28 -3.00
C VAL A 240 -22.71 -5.17 -3.96
N PRO A 241 -22.03 -4.03 -3.96
CA PRO A 241 -20.95 -3.92 -4.93
C PRO A 241 -19.79 -4.90 -4.60
N VAL A 242 -19.32 -5.56 -5.66
CA VAL A 242 -18.16 -6.46 -5.59
C VAL A 242 -17.15 -5.97 -6.60
N ALA A 243 -15.89 -5.88 -6.16
CA ALA A 243 -14.80 -5.43 -7.03
C ALA A 243 -13.79 -6.55 -7.15
N GLU A 244 -13.57 -6.99 -8.39
CA GLU A 244 -12.61 -8.05 -8.63
C GLU A 244 -11.23 -7.45 -8.96
N PHE A 245 -10.19 -7.99 -8.30
CA PHE A 245 -8.82 -7.55 -8.56
C PHE A 245 -8.07 -8.73 -9.08
N ASN A 246 -7.71 -8.72 -10.37
CA ASN A 246 -7.07 -9.89 -10.96
C ASN A 246 -6.30 -9.41 -12.18
N THR A 247 -5.28 -10.19 -12.53
CA THR A 247 -4.49 -9.88 -13.71
C THR A 247 -5.27 -10.25 -14.97
N GLU A 248 -6.31 -11.06 -14.82
CA GLU A 248 -7.17 -11.39 -15.97
C GLU A 248 -8.64 -11.49 -15.58
N THR A 249 -9.53 -11.57 -16.57
CA THR A 249 -10.89 -11.87 -16.32
C THR A 249 -11.12 -13.36 -15.96
N THR A 250 -12.21 -13.61 -15.26
CA THR A 250 -12.54 -14.97 -14.79
C THR A 250 -13.96 -15.29 -15.22
N PRO A 251 -14.41 -16.56 -14.99
CA PRO A 251 -15.80 -16.87 -15.29
C PRO A 251 -16.82 -16.10 -14.43
N ALA A 252 -16.38 -15.49 -13.34
CA ALA A 252 -17.29 -14.78 -12.46
C ALA A 252 -17.27 -13.25 -12.75
N THR A 253 -16.31 -12.77 -13.54
CA THR A 253 -16.10 -11.31 -13.68
C THR A 253 -17.38 -10.52 -14.02
N ASN A 254 -18.17 -11.04 -14.98
CA ASN A 254 -19.37 -10.29 -15.37
C ASN A 254 -20.52 -10.25 -14.38
N ARG A 255 -20.36 -10.96 -13.25
CA ARG A 255 -21.33 -10.90 -12.18
CA ARG A 255 -21.31 -10.93 -12.15
C ARG A 255 -21.07 -9.70 -11.27
N PHE A 256 -19.90 -9.09 -11.42
CA PHE A 256 -19.41 -8.10 -10.41
C PHE A 256 -19.58 -6.64 -10.86
N ARG A 257 -19.61 -5.74 -9.90
CA ARG A 257 -19.78 -4.31 -10.17
C ARG A 257 -18.49 -3.69 -10.77
N PHE A 258 -17.31 -4.17 -10.34
CA PHE A 258 -16.05 -3.60 -10.81
C PHE A 258 -15.06 -4.70 -11.13
N HIS A 259 -14.20 -4.43 -12.11
CA HIS A 259 -13.05 -5.28 -12.42
C HIS A 259 -11.88 -4.34 -12.63
N PHE A 260 -10.83 -4.55 -11.79
CA PHE A 260 -9.62 -3.75 -11.84
C PHE A 260 -8.49 -4.70 -12.29
N GLN A 261 -8.12 -4.58 -13.57
CA GLN A 261 -7.20 -5.51 -14.16
C GLN A 261 -5.75 -5.10 -13.89
N GLY A 262 -4.98 -6.05 -13.36
CA GLY A 262 -3.55 -5.84 -13.14
C GLY A 262 -3.08 -6.50 -11.85
N PRO A 263 -1.80 -6.39 -11.56
CA PRO A 263 -1.25 -7.05 -10.37
C PRO A 263 -1.83 -6.41 -9.14
N CYS A 264 -2.33 -7.25 -8.22
CA CYS A 264 -3.00 -6.71 -7.06
C CYS A 264 -2.04 -5.96 -6.11
N GLY A 265 -0.73 -6.16 -6.24
CA GLY A 265 0.19 -5.32 -5.39
C GLY A 265 0.24 -3.88 -5.91
N THR A 266 -0.25 -3.62 -7.13
CA THR A 266 -0.41 -2.25 -7.61
C THR A 266 -1.85 -1.74 -7.31
N THR A 267 -2.86 -2.57 -7.60
CA THR A 267 -4.21 -2.05 -7.57
C THR A 267 -4.79 -2.01 -6.15
N LEU A 268 -4.35 -2.91 -5.27
CA LEU A 268 -4.90 -2.89 -3.94
C LEU A 268 -4.47 -1.67 -3.13
N PRO A 269 -3.18 -1.32 -3.16
CA PRO A 269 -2.81 -0.11 -2.41
C PRO A 269 -3.61 1.10 -2.92
N GLU A 270 -3.82 1.17 -4.24
CA GLU A 270 -4.58 2.32 -4.83
C GLU A 270 -6.05 2.28 -4.30
N ALA A 271 -6.68 1.10 -4.40
CA ALA A 271 -8.09 1.01 -4.02
C ALA A 271 -8.35 1.20 -2.53
N LEU A 272 -7.41 0.77 -1.66
CA LEU A 272 -7.61 0.74 -0.23
C LEU A 272 -6.95 1.93 0.48
N ALA A 273 -6.35 2.88 -0.26
CA ALA A 273 -5.72 4.09 0.37
C ALA A 273 -6.67 4.98 1.28
N SER B 2 36.25 11.40 -13.71
CA SER B 2 35.50 10.28 -13.05
C SER B 2 34.66 9.30 -13.96
N PHE B 3 34.11 8.30 -13.27
CA PHE B 3 33.43 7.13 -13.86
C PHE B 3 32.05 7.45 -14.41
N THR B 4 31.64 6.71 -15.41
CA THR B 4 30.36 6.88 -16.07
C THR B 4 29.48 5.72 -15.52
N ALA B 5 28.28 6.02 -15.03
CA ALA B 5 27.44 4.98 -14.43
C ALA B 5 26.12 5.47 -13.81
N ARG B 6 25.04 4.70 -13.98
CA ARG B 6 23.72 5.10 -13.50
C ARG B 6 23.49 4.38 -12.12
N PRO B 7 22.54 4.84 -11.34
CA PRO B 7 22.14 4.12 -10.12
C PRO B 7 21.61 2.73 -10.50
N SER B 8 21.53 1.89 -9.50
CA SER B 8 20.89 0.55 -9.60
C SER B 8 19.38 0.66 -9.63
N SER B 9 18.75 -0.28 -10.36
CA SER B 9 17.30 -0.41 -10.29
C SER B 9 16.91 -1.67 -9.56
N SER B 10 17.83 -2.26 -8.79
CA SER B 10 17.51 -3.52 -8.06
C SER B 10 16.65 -3.30 -6.82
N MET B 11 15.37 -3.62 -6.96
CA MET B 11 14.47 -3.56 -5.79
C MET B 11 14.92 -4.54 -4.67
N ALA B 12 15.40 -5.73 -5.06
CA ALA B 12 15.91 -6.67 -4.05
C ALA B 12 17.10 -6.13 -3.23
N ASP B 13 18.06 -5.45 -3.89
CA ASP B 13 19.19 -4.89 -3.17
C ASP B 13 18.73 -3.72 -2.29
N PHE B 14 17.78 -2.91 -2.77
CA PHE B 14 17.29 -1.88 -1.91
C PHE B 14 16.61 -2.50 -0.68
N ARG B 15 15.81 -3.55 -0.90
CA ARG B 15 15.11 -4.16 0.21
C ARG B 15 16.07 -4.75 1.30
N LYS B 16 17.25 -5.20 0.87
CA LYS B 16 18.23 -5.69 1.86
C LYS B 16 18.66 -4.51 2.76
N PHE B 17 18.87 -3.33 2.22
CA PHE B 17 19.18 -2.23 3.10
C PHE B 17 17.97 -1.85 3.98
N PHE B 18 16.79 -1.80 3.34
CA PHE B 18 15.55 -1.41 4.06
C PHE B 18 15.34 -2.33 5.27
N ALA B 19 15.62 -3.64 5.12
CA ALA B 19 15.39 -4.55 6.24
C ALA B 19 16.21 -4.24 7.48
N LYS B 20 17.37 -3.60 7.30
CA LYS B 20 18.35 -3.37 8.38
CA LYS B 20 18.28 -3.38 8.43
C LYS B 20 18.32 -1.92 8.87
N ALA B 21 17.71 -1.02 8.10
CA ALA B 21 17.91 0.44 8.38
C ALA B 21 17.26 0.84 9.71
N LYS B 22 17.98 1.62 10.55
CA LYS B 22 17.49 2.07 11.83
C LYS B 22 16.94 3.49 11.80
N HIS B 23 17.30 4.24 10.75
CA HIS B 23 16.86 5.61 10.68
C HIS B 23 16.72 6.01 9.25
N ILE B 24 15.46 6.04 8.76
CA ILE B 24 15.18 6.29 7.36
C ILE B 24 14.66 7.72 7.22
N VAL B 25 15.30 8.49 6.31
CA VAL B 25 14.79 9.81 5.94
C VAL B 25 14.11 9.71 4.60
N ILE B 26 12.86 10.19 4.54
CA ILE B 26 12.09 10.16 3.28
C ILE B 26 11.84 11.60 2.90
N ILE B 27 12.51 12.06 1.83
CA ILE B 27 12.31 13.48 1.32
C ILE B 27 11.26 13.39 0.22
N SER B 28 10.25 14.27 0.24
CA SER B 28 9.24 14.22 -0.84
C SER B 28 8.99 15.58 -1.46
N GLY B 29 8.60 15.54 -2.73
CA GLY B 29 8.12 16.72 -3.49
C GLY B 29 6.77 16.44 -4.04
N ALA B 30 6.35 17.29 -4.98
CA ALA B 30 4.96 17.27 -5.42
C ALA B 30 4.56 15.97 -6.14
N GLY B 31 5.54 15.21 -6.60
CA GLY B 31 5.25 13.97 -7.27
C GLY B 31 4.60 12.95 -6.33
N VAL B 32 4.81 13.05 -5.00
CA VAL B 32 4.19 12.10 -4.09
C VAL B 32 2.67 12.34 -3.97
N SER B 33 2.20 13.50 -4.42
CA SER B 33 0.77 13.84 -4.35
C SER B 33 0.11 13.79 -5.72
N ALA B 34 0.90 13.63 -6.79
CA ALA B 34 0.28 13.65 -8.16
C ALA B 34 -0.88 12.63 -8.24
N GLU B 35 -0.71 11.45 -7.65
CA GLU B 35 -1.68 10.36 -7.76
C GLU B 35 -2.88 10.56 -6.81
N SER B 36 -2.91 11.67 -6.03
CA SER B 36 -4.13 12.09 -5.35
C SER B 36 -4.90 13.06 -6.22
N GLY B 37 -4.42 13.35 -7.43
CA GLY B 37 -5.07 14.40 -8.28
C GLY B 37 -4.63 15.84 -7.99
N VAL B 38 -3.46 15.99 -7.37
CA VAL B 38 -2.90 17.33 -7.09
C VAL B 38 -1.74 17.48 -8.11
N PRO B 39 -1.89 18.34 -9.14
CA PRO B 39 -0.81 18.49 -10.10
C PRO B 39 0.49 19.01 -9.48
N THR B 40 1.59 18.56 -10.05
CA THR B 40 2.87 19.14 -9.73
C THR B 40 2.97 20.50 -10.40
N PHE B 41 4.10 21.21 -10.20
CA PHE B 41 4.30 22.44 -11.00
C PHE B 41 5.11 22.19 -12.22
N ARG B 42 5.29 20.94 -12.64
CA ARG B 42 6.19 20.69 -13.76
C ARG B 42 5.52 20.88 -15.11
N GLY B 43 4.25 20.54 -15.24
CA GLY B 43 3.74 20.60 -16.61
C GLY B 43 2.82 21.79 -16.68
N ALA B 44 1.63 21.47 -17.20
CA ALA B 44 0.52 22.40 -17.25
C ALA B 44 0.05 22.77 -15.82
N GLY B 45 0.34 21.96 -14.79
CA GLY B 45 -0.01 22.36 -13.44
C GLY B 45 0.94 23.43 -12.87
N GLY B 46 2.01 23.78 -13.58
CA GLY B 46 2.85 24.93 -13.17
C GLY B 46 2.25 26.26 -13.59
N TYR B 47 1.04 26.22 -14.17
CA TYR B 47 0.36 27.45 -14.53
C TYR B 47 -0.97 27.53 -13.84
N TRP B 48 -1.26 28.74 -13.40
CA TRP B 48 -2.60 29.03 -12.90
C TRP B 48 -2.99 30.28 -13.68
N ARG B 49 -4.10 30.17 -14.42
CA ARG B 49 -4.41 31.21 -15.46
C ARG B 49 -3.16 31.39 -16.30
N LYS B 50 -2.75 32.61 -16.58
CA LYS B 50 -1.59 32.77 -17.48
C LYS B 50 -0.26 32.80 -16.75
N TRP B 51 -0.25 32.63 -15.42
N TRP B 51 -0.29 32.60 -15.43
CA TRP B 51 1.00 32.82 -14.71
CA TRP B 51 0.79 32.94 -14.52
C TRP B 51 1.61 31.56 -14.30
C TRP B 51 1.56 31.65 -14.14
N GLN B 52 2.91 31.63 -14.16
CA GLN B 52 3.60 30.49 -13.62
C GLN B 52 3.44 30.44 -12.11
N ALA B 53 3.11 29.27 -11.61
CA ALA B 53 2.92 29.09 -10.14
C ALA B 53 4.18 29.57 -9.33
N GLN B 54 5.38 29.36 -9.86
CA GLN B 54 6.55 29.72 -9.05
C GLN B 54 6.72 31.24 -8.94
N ASP B 55 6.10 31.99 -9.88
CA ASP B 55 6.19 33.47 -9.80
C ASP B 55 5.07 34.03 -8.97
N LEU B 56 3.97 33.27 -8.78
CA LEU B 56 2.95 33.74 -7.80
C LEU B 56 3.39 33.49 -6.37
N ALA B 57 4.15 32.40 -6.19
CA ALA B 57 4.72 32.04 -4.88
C ALA B 57 5.99 32.85 -4.57
N THR B 58 5.82 34.13 -4.47
CA THR B 58 6.95 35.09 -4.23
C THR B 58 6.44 36.25 -3.39
N PRO B 59 7.29 36.81 -2.53
CA PRO B 59 6.83 37.95 -1.74
C PRO B 59 6.66 39.19 -2.62
N LEU B 60 7.34 39.29 -3.76
CA LEU B 60 7.10 40.46 -4.60
C LEU B 60 5.72 40.38 -5.32
N ALA B 61 5.29 39.18 -5.73
CA ALA B 61 3.92 39.10 -6.30
C ALA B 61 2.95 39.47 -5.22
N PHE B 62 3.17 38.96 -4.00
CA PHE B 62 2.21 39.26 -2.91
C PHE B 62 2.17 40.75 -2.54
N ALA B 63 3.33 41.39 -2.55
CA ALA B 63 3.45 42.84 -2.20
C ALA B 63 2.70 43.69 -3.26
N HIS B 64 2.80 43.27 -4.55
CA HIS B 64 2.26 44.10 -5.64
C HIS B 64 0.88 43.70 -6.13
N ASN B 65 0.42 42.50 -5.77
CA ASN B 65 -0.93 42.07 -6.17
C ASN B 65 -1.41 41.01 -5.17
N PRO B 66 -1.65 41.42 -3.92
CA PRO B 66 -2.06 40.45 -2.92
C PRO B 66 -3.38 39.74 -3.28
N SER B 67 -4.31 40.45 -3.98
CA SER B 67 -5.54 39.77 -4.37
C SER B 67 -5.26 38.62 -5.32
N ARG B 68 -4.36 38.81 -6.29
CA ARG B 68 -4.08 37.76 -7.27
C ARG B 68 -3.41 36.54 -6.53
N VAL B 69 -2.43 36.82 -5.67
CA VAL B 69 -1.79 35.73 -4.92
C VAL B 69 -2.80 35.01 -3.98
N TRP B 70 -3.69 35.77 -3.32
CA TRP B 70 -4.71 35.11 -2.54
C TRP B 70 -5.71 34.34 -3.37
N GLU B 71 -6.07 34.81 -4.57
CA GLU B 71 -6.97 34.02 -5.44
C GLU B 71 -6.32 32.64 -5.74
N PHE B 72 -5.01 32.67 -6.03
CA PHE B 72 -4.26 31.42 -6.35
C PHE B 72 -4.22 30.48 -5.14
N TYR B 73 -3.85 30.98 -3.95
CA TYR B 73 -3.83 30.10 -2.77
C TYR B 73 -5.22 29.67 -2.35
N HIS B 74 -6.22 30.52 -2.58
CA HIS B 74 -7.60 30.12 -2.27
C HIS B 74 -8.00 28.97 -3.17
N TYR B 75 -7.71 29.07 -4.46
CA TYR B 75 -7.99 27.97 -5.40
C TYR B 75 -7.35 26.67 -4.88
N ARG B 76 -6.05 26.75 -4.52
CA ARG B 76 -5.35 25.55 -4.08
C ARG B 76 -5.96 24.99 -2.79
N ARG B 77 -6.29 25.85 -1.84
CA ARG B 77 -6.92 25.38 -0.57
C ARG B 77 -8.23 24.67 -0.92
N GLU B 78 -9.04 25.28 -1.80
CA GLU B 78 -10.36 24.71 -2.08
C GLU B 78 -10.22 23.37 -2.80
N VAL B 79 -9.30 23.28 -3.75
CA VAL B 79 -9.08 21.99 -4.44
C VAL B 79 -8.63 20.94 -3.43
N MET B 80 -7.76 21.33 -2.50
CA MET B 80 -7.12 20.38 -1.63
C MET B 80 -8.10 19.80 -0.66
N GLY B 81 -9.18 20.57 -0.37
CA GLY B 81 -10.08 20.13 0.72
C GLY B 81 -10.68 18.75 0.40
N SER B 82 -10.89 18.44 -0.89
CA SER B 82 -11.47 17.14 -1.31
C SER B 82 -10.46 16.03 -1.59
N LYS B 83 -9.17 16.35 -1.46
N LYS B 83 -9.17 16.35 -1.46
CA LYS B 83 -8.13 15.38 -1.86
CA LYS B 83 -8.12 15.39 -1.87
C LYS B 83 -7.77 14.44 -0.73
C LYS B 83 -7.72 14.45 -0.75
N GLU B 84 -7.40 13.23 -1.13
CA GLU B 84 -7.18 12.11 -0.22
CA GLU B 84 -7.12 12.20 -0.14
C GLU B 84 -5.74 11.61 -0.35
N PRO B 85 -5.15 11.14 0.73
CA PRO B 85 -3.84 10.50 0.61
C PRO B 85 -3.90 9.31 -0.34
N ASN B 86 -2.81 9.10 -1.06
CA ASN B 86 -2.77 8.02 -2.03
C ASN B 86 -1.90 6.85 -1.52
N ALA B 87 -1.73 5.81 -2.36
CA ALA B 87 -0.95 4.61 -1.94
C ALA B 87 0.48 4.91 -1.56
N GLY B 88 1.06 5.92 -2.18
CA GLY B 88 2.45 6.33 -1.81
C GLY B 88 2.47 7.04 -0.46
N HIS B 89 1.58 8.01 -0.19
CA HIS B 89 1.51 8.60 1.16
C HIS B 89 1.21 7.50 2.23
N ARG B 90 0.28 6.58 1.91
CA ARG B 90 -0.07 5.53 2.90
C ARG B 90 1.12 4.58 3.18
N ALA B 91 1.83 4.13 2.14
CA ALA B 91 2.99 3.25 2.37
C ALA B 91 3.99 3.94 3.27
N ILE B 92 4.21 5.25 3.02
CA ILE B 92 5.17 6.01 3.81
C ILE B 92 4.71 6.05 5.31
N ALA B 93 3.41 6.34 5.52
CA ALA B 93 2.91 6.42 6.89
C ALA B 93 2.93 5.07 7.58
N GLU B 94 2.49 4.02 6.87
CA GLU B 94 2.44 2.71 7.50
CA GLU B 94 2.43 2.68 7.46
C GLU B 94 3.85 2.17 7.76
N CYS B 95 4.82 2.53 6.90
CA CYS B 95 6.18 2.15 7.18
C CYS B 95 6.63 2.78 8.51
N GLU B 96 6.41 4.10 8.67
CA GLU B 96 6.77 4.77 9.93
CA GLU B 96 6.78 4.75 9.93
C GLU B 96 6.17 4.05 11.12
N THR B 97 4.89 3.72 11.03
CA THR B 97 4.22 3.10 12.17
C THR B 97 4.83 1.74 12.50
N ARG B 98 4.94 0.89 11.48
CA ARG B 98 5.47 -0.46 11.66
C ARG B 98 6.88 -0.44 12.18
N LEU B 99 7.74 0.40 11.58
CA LEU B 99 9.15 0.42 12.05
C LEU B 99 9.24 1.04 13.45
N GLY B 100 8.36 2.00 13.76
CA GLY B 100 8.40 2.62 15.11
C GLY B 100 8.16 1.60 16.22
N LYS B 101 7.30 0.60 15.96
CA LYS B 101 7.04 -0.44 16.95
C LYS B 101 8.27 -1.29 17.19
N GLN B 102 9.22 -1.24 16.28
CA GLN B 102 10.51 -1.99 16.35
C GLN B 102 11.63 -1.12 16.85
N GLY B 103 11.30 0.11 17.24
CA GLY B 103 12.33 1.07 17.64
C GLY B 103 13.20 1.63 16.51
N ARG B 104 12.64 1.61 15.28
CA ARG B 104 13.34 2.13 14.13
C ARG B 104 12.63 3.40 13.67
N ARG B 105 13.41 4.38 13.25
CA ARG B 105 12.88 5.71 13.00
C ARG B 105 12.66 5.90 11.52
N VAL B 106 11.49 6.46 11.18
CA VAL B 106 11.22 7.01 9.84
C VAL B 106 10.78 8.46 10.01
N VAL B 107 11.39 9.38 9.23
CA VAL B 107 10.97 10.79 9.30
C VAL B 107 10.74 11.23 7.86
N VAL B 108 9.71 12.06 7.64
CA VAL B 108 9.43 12.56 6.30
C VAL B 108 9.77 14.04 6.30
N ILE B 109 10.53 14.45 5.31
CA ILE B 109 10.92 15.86 5.12
C ILE B 109 10.28 16.24 3.79
N THR B 110 9.22 17.07 3.85
CA THR B 110 8.46 17.33 2.64
C THR B 110 8.60 18.78 2.16
N GLN B 111 8.75 18.95 0.84
CA GLN B 111 8.64 20.25 0.13
C GLN B 111 7.15 20.65 0.03
N ASN B 112 6.24 19.69 0.25
CA ASN B 112 4.82 19.96 -0.06
C ASN B 112 4.13 20.72 1.08
N ILE B 113 3.17 21.58 0.69
CA ILE B 113 2.40 22.32 1.69
C ILE B 113 0.99 21.73 1.84
N ASP B 114 0.72 20.59 1.20
CA ASP B 114 -0.64 20.07 1.06
C ASP B 114 -1.19 19.32 2.28
N GLU B 115 -0.33 19.04 3.28
CA GLU B 115 -0.68 18.28 4.47
C GLU B 115 -1.13 16.82 4.21
N LEU B 116 -1.04 16.35 2.96
CA LEU B 116 -1.51 14.99 2.72
C LEU B 116 -0.69 13.89 3.45
N HIS B 117 0.59 14.15 3.75
CA HIS B 117 1.32 13.20 4.59
C HIS B 117 0.67 13.11 5.99
N ARG B 118 0.19 14.26 6.53
CA ARG B 118 -0.48 14.25 7.84
CA ARG B 118 -0.43 14.22 7.85
C ARG B 118 -1.76 13.45 7.73
N LYS B 119 -2.56 13.74 6.69
CA LYS B 119 -3.79 12.99 6.52
C LYS B 119 -3.58 11.49 6.34
N ALA B 120 -2.42 11.12 5.80
CA ALA B 120 -2.06 9.71 5.60
C ALA B 120 -1.66 8.99 6.87
N GLY B 121 -1.35 9.75 7.92
CA GLY B 121 -0.94 9.18 9.21
C GLY B 121 0.49 9.34 9.61
N THR B 122 1.26 10.10 8.81
CA THR B 122 2.67 10.33 9.16
C THR B 122 2.68 11.22 10.42
N LYS B 123 3.49 10.83 11.35
CA LYS B 123 3.65 11.61 12.58
CA LYS B 123 3.65 11.61 12.59
C LYS B 123 4.94 12.42 12.55
N ASN B 124 6.02 11.81 12.10
CA ASN B 124 7.34 12.49 12.10
C ASN B 124 7.48 13.25 10.79
N LEU B 125 6.91 14.46 10.73
CA LEU B 125 6.80 15.20 9.48
C LEU B 125 7.45 16.57 9.64
N LEU B 126 8.37 16.88 8.75
CA LEU B 126 8.97 18.27 8.73
C LEU B 126 8.41 18.92 7.44
N GLU B 127 7.61 19.99 7.60
CA GLU B 127 7.04 20.69 6.47
C GLU B 127 7.93 21.89 6.16
N ILE B 128 8.91 21.70 5.30
CA ILE B 128 9.95 22.71 5.22
C ILE B 128 9.54 23.99 4.51
N HIS B 129 8.39 23.94 3.79
CA HIS B 129 7.90 25.10 3.03
C HIS B 129 6.59 25.62 3.62
N GLY B 130 6.23 25.15 4.80
CA GLY B 130 5.02 25.67 5.45
C GLY B 130 3.80 24.86 5.08
N SER B 131 2.63 25.51 5.13
CA SER B 131 1.37 24.79 4.94
C SER B 131 0.32 25.62 4.26
N LEU B 132 -0.40 25.02 3.33
CA LEU B 132 -1.54 25.65 2.68
C LEU B 132 -2.62 26.04 3.69
N PHE B 133 -2.63 25.41 4.85
CA PHE B 133 -3.68 25.57 5.86
C PHE B 133 -3.15 26.30 7.08
N LYS B 134 -2.19 27.18 6.85
CA LYS B 134 -1.70 28.08 7.91
CA LYS B 134 -1.70 28.08 7.90
C LYS B 134 -1.61 29.49 7.32
N THR B 135 -1.88 30.48 8.15
CA THR B 135 -1.68 31.89 7.76
C THR B 135 -0.65 32.54 8.68
N ARG B 136 -0.10 33.67 8.21
CA ARG B 136 0.82 34.46 9.07
C ARG B 136 0.37 35.89 8.88
N CYS B 137 0.26 36.64 9.99
CA CYS B 137 -0.15 38.08 9.87
C CYS B 137 1.04 38.94 9.50
N THR B 138 0.91 39.73 8.45
CA THR B 138 1.97 40.62 8.01
C THR B 138 2.16 41.79 8.97
N SER B 139 1.22 41.99 9.88
CA SER B 139 1.31 43.11 10.84
CA SER B 139 1.31 43.12 10.83
C SER B 139 1.90 42.64 12.15
N CYS B 140 1.27 41.64 12.81
CA CYS B 140 1.72 41.18 14.12
C CYS B 140 2.59 39.96 14.08
N GLY B 141 2.70 39.33 12.92
CA GLY B 141 3.55 38.15 12.85
C GLY B 141 2.99 36.81 13.29
N VAL B 142 1.76 36.76 13.85
CA VAL B 142 1.25 35.56 14.46
C VAL B 142 0.89 34.52 13.36
N VAL B 143 1.20 33.25 13.64
CA VAL B 143 0.91 32.12 12.70
C VAL B 143 -0.28 31.37 13.27
N ALA B 144 -1.24 31.05 12.42
CA ALA B 144 -2.44 30.33 12.86
C ALA B 144 -2.82 29.23 11.88
N GLU B 145 -3.51 28.23 12.36
CA GLU B 145 -4.06 27.15 11.57
CA GLU B 145 -4.02 27.16 11.50
C GLU B 145 -5.30 27.72 10.92
N ASN B 146 -5.55 27.40 9.65
CA ASN B 146 -6.79 27.91 9.01
C ASN B 146 -7.25 26.96 7.93
N TYR B 147 -8.36 26.27 8.21
CA TYR B 147 -8.94 25.33 7.27
C TYR B 147 -10.23 25.85 6.62
N LYS B 148 -10.62 27.08 6.95
CA LYS B 148 -11.97 27.54 6.61
C LYS B 148 -12.18 27.65 5.09
N SER B 149 -13.36 27.19 4.63
CA SER B 149 -13.76 27.24 3.23
C SER B 149 -15.05 28.08 3.11
N PRO B 150 -14.95 29.28 2.56
CA PRO B 150 -13.75 29.97 2.07
C PRO B 150 -13.01 30.68 3.19
N ILE B 151 -11.73 31.03 2.98
CA ILE B 151 -10.96 31.60 4.11
C ILE B 151 -11.52 33.00 4.49
N CYS B 152 -12.04 33.74 3.50
CA CYS B 152 -12.82 34.96 3.86
C CYS B 152 -13.94 35.05 2.86
N PRO B 153 -14.97 35.84 3.20
CA PRO B 153 -16.13 35.95 2.29
C PRO B 153 -15.83 36.48 0.94
N ALA B 154 -14.90 37.44 0.83
CA ALA B 154 -14.63 38.04 -0.47
C ALA B 154 -14.04 37.02 -1.47
N LEU B 155 -13.39 35.95 -0.94
CA LEU B 155 -12.83 34.95 -1.83
C LEU B 155 -13.82 33.84 -2.19
N SER B 156 -15.01 33.84 -1.58
CA SER B 156 -15.99 32.84 -2.01
C SER B 156 -16.27 32.94 -3.53
N GLY B 157 -16.19 31.83 -4.22
CA GLY B 157 -16.46 31.79 -5.66
C GLY B 157 -15.36 32.34 -6.51
N LYS B 158 -14.20 32.64 -5.92
CA LYS B 158 -13.07 33.13 -6.71
C LYS B 158 -12.04 32.02 -6.93
N GLY B 159 -11.03 32.32 -7.76
CA GLY B 159 -9.88 31.44 -7.96
C GLY B 159 -9.93 30.49 -9.13
N ALA B 160 -10.95 30.56 -10.01
CA ALA B 160 -11.01 29.61 -11.13
C ALA B 160 -9.74 29.74 -11.93
N PRO B 161 -9.19 28.60 -12.39
CA PRO B 161 -7.84 28.59 -12.93
C PRO B 161 -7.74 28.79 -14.42
N GLU B 162 -8.87 28.87 -15.15
CA GLU B 162 -8.76 28.94 -16.60
C GLU B 162 -8.14 30.26 -17.04
N PRO B 163 -7.23 30.23 -18.06
CA PRO B 163 -6.77 31.49 -18.56
C PRO B 163 -8.01 32.28 -19.02
N GLY B 164 -7.96 33.58 -18.81
CA GLY B 164 -9.05 34.43 -19.20
C GLY B 164 -10.06 34.71 -18.11
N THR B 165 -9.91 34.04 -16.99
CA THR B 165 -10.85 34.25 -15.89
C THR B 165 -10.58 35.64 -15.35
N GLN B 166 -11.65 36.35 -14.98
CA GLN B 166 -11.53 37.74 -14.46
C GLN B 166 -10.75 37.73 -13.14
N ASP B 167 -9.81 38.66 -13.03
CA ASP B 167 -9.20 38.90 -11.71
C ASP B 167 -10.29 39.35 -10.76
N ALA B 168 -10.28 38.78 -9.58
CA ALA B 168 -11.24 39.16 -8.55
C ALA B 168 -11.02 40.60 -8.10
N SER B 169 -9.77 41.09 -8.13
CA SER B 169 -9.46 42.47 -7.70
C SER B 169 -10.09 42.84 -6.39
N ILE B 170 -9.84 42.04 -5.34
CA ILE B 170 -10.48 42.27 -4.07
C ILE B 170 -9.68 43.37 -3.36
N PRO B 171 -10.36 44.39 -2.81
CA PRO B 171 -9.63 45.39 -2.05
C PRO B 171 -8.87 44.74 -0.89
N VAL B 172 -7.71 45.27 -0.56
CA VAL B 172 -6.85 44.60 0.42
C VAL B 172 -7.55 44.46 1.81
N GLU B 173 -8.47 45.41 2.11
CA GLU B 173 -9.20 45.37 3.37
C GLU B 173 -10.14 44.15 3.52
N LYS B 174 -10.53 43.57 2.37
CA LYS B 174 -11.47 42.44 2.32
C LYS B 174 -10.76 41.10 2.05
N LEU B 175 -9.42 41.14 1.88
CA LEU B 175 -8.63 39.92 1.90
C LEU B 175 -8.56 39.36 3.32
N PRO B 176 -7.99 38.16 3.50
CA PRO B 176 -7.98 37.60 4.83
C PRO B 176 -7.30 38.50 5.86
N ARG B 177 -7.96 38.74 6.98
CA ARG B 177 -7.43 39.66 8.00
C ARG B 177 -7.22 38.95 9.34
N CYS B 178 -6.27 39.46 10.11
CA CYS B 178 -5.89 38.87 11.39
C CYS B 178 -7.01 39.02 12.41
N GLU B 179 -7.39 37.93 13.08
CA GLU B 179 -8.47 37.99 14.05
CA GLU B 179 -8.45 38.01 14.07
C GLU B 179 -7.92 38.16 15.46
N GLU B 180 -6.62 38.36 15.62
CA GLU B 180 -6.09 38.65 16.95
C GLU B 180 -6.74 39.97 17.43
N ALA B 181 -7.15 40.00 18.68
CA ALA B 181 -7.79 41.20 19.20
C ALA B 181 -6.99 42.48 18.92
N GLY B 182 -7.62 43.46 18.28
CA GLY B 182 -6.94 44.75 18.03
C GLY B 182 -5.99 44.76 16.84
N CYS B 183 -5.83 43.63 16.17
CA CYS B 183 -4.89 43.61 15.07
C CYS B 183 -5.57 43.96 13.70
N GLY B 184 -6.18 43.01 13.03
CA GLY B 184 -6.83 43.26 11.74
C GLY B 184 -5.86 43.39 10.59
N GLY B 185 -4.58 43.01 10.81
CA GLY B 185 -3.59 43.12 9.69
C GLY B 185 -3.87 42.18 8.54
N LEU B 186 -3.20 42.41 7.41
CA LEU B 186 -3.39 41.57 6.25
C LEU B 186 -2.66 40.21 6.48
N LEU B 187 -3.39 39.09 6.32
CA LEU B 187 -2.73 37.76 6.42
C LEU B 187 -2.13 37.38 5.09
N ARG B 188 -1.06 36.60 5.20
CA ARG B 188 -0.50 35.90 4.01
C ARG B 188 -0.56 34.38 4.28
N PRO B 189 -0.49 33.54 3.25
CA PRO B 189 -0.27 32.11 3.52
C PRO B 189 1.07 31.93 4.27
N HIS B 190 1.08 31.02 5.23
CA HIS B 190 2.32 30.67 5.93
C HIS B 190 3.06 29.60 5.11
N VAL B 191 3.56 30.06 3.96
CA VAL B 191 4.21 29.23 2.95
C VAL B 191 5.54 29.89 2.66
N VAL B 192 6.61 29.12 2.60
CA VAL B 192 7.89 29.72 2.21
C VAL B 192 7.89 29.92 0.72
N TRP B 193 8.09 31.18 0.32
CA TRP B 193 8.04 31.55 -1.08
C TRP B 193 9.42 31.56 -1.71
N PHE B 194 9.47 31.43 -3.04
CA PHE B 194 10.75 31.59 -3.74
C PHE B 194 11.34 32.96 -3.39
N GLY B 195 12.61 32.97 -3.02
CA GLY B 195 13.30 34.18 -2.59
C GLY B 195 13.29 34.40 -1.10
N GLU B 196 12.60 33.54 -0.33
CA GLU B 196 12.57 33.69 1.13
C GLU B 196 13.44 32.59 1.76
N ASN B 197 13.93 32.85 2.96
CA ASN B 197 14.66 31.84 3.73
C ASN B 197 13.73 30.81 4.35
N LEU B 198 14.11 29.52 4.25
CA LEU B 198 13.45 28.52 5.11
C LEU B 198 13.72 28.78 6.60
N ASP B 199 12.82 28.30 7.44
CA ASP B 199 12.99 28.52 8.88
C ASP B 199 14.32 27.88 9.38
N PRO B 200 15.15 28.67 10.10
CA PRO B 200 16.48 28.19 10.46
C PRO B 200 16.34 27.05 11.45
N ALA B 201 15.34 27.10 12.32
CA ALA B 201 15.11 26.00 13.29
C ALA B 201 14.77 24.67 12.51
N ILE B 202 13.89 24.79 11.54
CA ILE B 202 13.58 23.64 10.68
C ILE B 202 14.83 23.13 9.93
N LEU B 203 15.62 24.05 9.37
CA LEU B 203 16.81 23.58 8.66
C LEU B 203 17.80 22.89 9.59
N GLU B 204 17.96 23.42 10.82
CA GLU B 204 18.84 22.67 11.78
C GLU B 204 18.32 21.27 12.10
N GLU B 205 17.02 21.17 12.26
CA GLU B 205 16.39 19.88 12.53
C GLU B 205 16.60 18.95 11.34
N VAL B 206 16.38 19.44 10.13
CA VAL B 206 16.67 18.64 8.92
C VAL B 206 18.12 18.12 8.97
N ASP B 207 19.10 19.00 9.23
CA ASP B 207 20.50 18.54 9.24
C ASP B 207 20.70 17.46 10.27
N ARG B 208 20.04 17.55 11.43
CA ARG B 208 20.21 16.46 12.41
C ARG B 208 19.66 15.12 11.88
N GLU B 209 18.51 15.14 11.21
CA GLU B 209 17.96 13.89 10.64
C GLU B 209 18.88 13.37 9.54
N LEU B 210 19.40 14.28 8.67
CA LEU B 210 20.20 13.84 7.55
C LEU B 210 21.52 13.22 8.09
N ALA B 211 22.11 13.80 9.15
CA ALA B 211 23.37 13.28 9.66
C ALA B 211 23.24 11.96 10.32
N HIS B 212 22.05 11.68 10.89
CA HIS B 212 21.85 10.43 11.63
C HIS B 212 21.31 9.31 10.79
N CYS B 213 20.75 9.61 9.62
CA CYS B 213 20.04 8.53 8.94
C CYS B 213 21.02 7.49 8.37
N ASP B 214 20.50 6.28 8.16
CA ASP B 214 21.31 5.23 7.49
C ASP B 214 20.72 4.74 6.18
N LEU B 215 19.60 5.36 5.77
CA LEU B 215 18.97 5.07 4.49
C LEU B 215 18.12 6.25 4.13
N CYS B 216 18.11 6.63 2.86
CA CYS B 216 17.29 7.82 2.46
C CYS B 216 16.52 7.51 1.19
N LEU B 217 15.25 7.94 1.13
CA LEU B 217 14.42 7.85 -0.07
C LEU B 217 14.13 9.27 -0.49
N VAL B 218 14.22 9.53 -1.78
CA VAL B 218 13.93 10.88 -2.32
C VAL B 218 12.83 10.70 -3.35
N VAL B 219 11.61 11.13 -2.97
CA VAL B 219 10.39 10.69 -3.67
C VAL B 219 9.66 11.85 -4.31
N GLY B 220 9.50 11.75 -5.61
CA GLY B 220 8.62 12.71 -6.28
C GLY B 220 9.12 14.18 -6.19
N THR B 221 10.45 14.36 -6.21
CA THR B 221 10.96 15.72 -6.23
C THR B 221 11.86 15.90 -7.45
N SER B 222 11.81 17.11 -8.01
CA SER B 222 12.58 17.46 -9.20
C SER B 222 14.06 17.63 -8.88
N SER B 223 14.39 17.77 -7.59
CA SER B 223 15.75 18.01 -7.14
C SER B 223 16.34 19.27 -7.80
N VAL B 224 15.47 20.20 -8.17
CA VAL B 224 15.93 21.54 -8.60
C VAL B 224 15.43 22.68 -7.71
N VAL B 225 14.65 22.37 -6.65
CA VAL B 225 14.25 23.43 -5.73
C VAL B 225 15.23 23.40 -4.56
N TYR B 226 15.98 24.52 -4.33
CA TYR B 226 17.03 24.57 -3.28
C TYR B 226 16.43 25.32 -2.10
N PRO B 227 16.85 25.05 -0.87
CA PRO B 227 18.00 24.14 -0.55
C PRO B 227 17.60 22.65 -0.50
N ALA B 228 16.32 22.34 -0.59
CA ALA B 228 15.87 20.92 -0.46
C ALA B 228 16.58 19.94 -1.40
N ALA B 229 16.94 20.46 -2.58
CA ALA B 229 17.63 19.65 -3.62
C ALA B 229 18.97 19.12 -3.11
N MET B 230 19.55 19.77 -2.13
CA MET B 230 20.88 19.32 -1.69
CA MET B 230 20.88 19.43 -1.56
C MET B 230 20.81 18.32 -0.52
N PHE B 231 19.63 18.06 0.03
CA PHE B 231 19.55 17.18 1.23
C PHE B 231 19.96 15.73 0.91
N ALA B 232 19.32 15.14 -0.08
CA ALA B 232 19.66 13.76 -0.41
C ALA B 232 21.08 13.58 -0.94
N PRO B 233 21.61 14.53 -1.76
CA PRO B 233 23.00 14.40 -2.18
C PRO B 233 23.98 14.50 -0.99
N GLN B 234 23.58 15.24 0.07
CA GLN B 234 24.45 15.36 1.24
C GLN B 234 24.57 14.02 1.97
N VAL B 235 23.46 13.27 2.03
CA VAL B 235 23.45 11.91 2.61
C VAL B 235 24.29 10.95 1.73
N ALA B 236 24.08 10.96 0.43
CA ALA B 236 24.79 10.07 -0.51
C ALA B 236 26.32 10.33 -0.41
N ALA B 237 26.68 11.63 -0.25
CA ALA B 237 28.11 12.01 -0.24
C ALA B 237 28.86 11.52 1.01
N ARG B 238 28.12 11.09 2.05
CA ARG B 238 28.67 10.48 3.26
C ARG B 238 28.73 8.95 3.10
N GLY B 239 28.29 8.40 1.96
CA GLY B 239 28.28 6.95 1.78
C GLY B 239 26.98 6.22 2.10
N VAL B 240 25.92 6.96 2.46
CA VAL B 240 24.65 6.31 2.79
C VAL B 240 23.82 6.06 1.53
N PRO B 241 23.19 4.87 1.42
CA PRO B 241 22.35 4.60 0.19
C PRO B 241 21.18 5.55 0.15
N VAL B 242 21.01 6.11 -1.03
CA VAL B 242 19.82 6.90 -1.35
C VAL B 242 19.11 6.28 -2.52
N ALA B 243 17.78 6.18 -2.42
CA ALA B 243 16.98 5.60 -3.52
C ALA B 243 15.99 6.65 -3.98
N GLU B 244 16.04 6.95 -5.27
CA GLU B 244 15.15 7.93 -5.81
C GLU B 244 13.94 7.25 -6.45
N PHE B 245 12.75 7.75 -6.13
CA PHE B 245 11.46 7.21 -6.66
C PHE B 245 10.83 8.35 -7.42
N ASN B 246 10.84 8.24 -8.74
CA ASN B 246 10.38 9.35 -9.58
C ASN B 246 9.92 8.78 -10.89
N THR B 247 8.96 9.46 -11.54
CA THR B 247 8.58 9.03 -12.91
C THR B 247 9.65 9.35 -13.96
N GLU B 248 10.61 10.17 -13.57
CA GLU B 248 11.71 10.55 -14.49
C GLU B 248 13.04 10.69 -13.78
N THR B 249 14.13 10.77 -14.53
CA THR B 249 15.41 11.13 -13.94
C THR B 249 15.49 12.65 -13.76
N THR B 250 16.33 13.04 -12.81
CA THR B 250 16.50 14.41 -12.42
C THR B 250 18.00 14.77 -12.45
N PRO B 251 18.34 16.06 -12.20
CA PRO B 251 19.73 16.43 -12.21
C PRO B 251 20.54 15.78 -11.09
N ALA B 252 19.86 15.25 -10.06
CA ALA B 252 20.55 14.60 -8.93
C ALA B 252 20.66 13.05 -9.07
N THR B 253 19.93 12.46 -10.02
CA THR B 253 19.80 11.01 -10.11
C THR B 253 21.14 10.26 -9.98
N ASN B 254 22.14 10.67 -10.75
CA ASN B 254 23.40 9.92 -10.68
C ASN B 254 24.23 10.04 -9.43
N ARG B 255 23.82 10.90 -8.50
N ARG B 255 23.81 10.89 -8.50
CA ARG B 255 24.45 10.96 -7.21
CA ARG B 255 24.43 10.95 -7.20
C ARG B 255 23.97 9.82 -6.30
C ARG B 255 23.98 9.80 -6.30
N PHE B 256 22.89 9.11 -6.68
CA PHE B 256 22.19 8.20 -5.77
C PHE B 256 22.49 6.71 -6.03
N ARG B 257 22.23 5.86 -5.05
CA ARG B 257 22.53 4.42 -5.14
C ARG B 257 21.48 3.71 -5.97
N PHE B 258 20.20 4.19 -5.90
CA PHE B 258 19.10 3.51 -6.60
C PHE B 258 18.23 4.52 -7.27
N HIS B 259 17.66 4.12 -8.42
CA HIS B 259 16.62 4.92 -9.03
C HIS B 259 15.54 3.93 -9.49
N PHE B 260 14.33 4.14 -8.95
CA PHE B 260 13.13 3.31 -9.29
C PHE B 260 12.20 4.16 -10.10
N GLN B 261 12.17 3.92 -11.42
CA GLN B 261 11.41 4.78 -12.30
C GLN B 261 9.97 4.31 -12.37
N GLY B 262 9.02 5.23 -12.13
CA GLY B 262 7.62 4.89 -12.19
C GLY B 262 6.84 5.70 -11.19
N PRO B 263 5.51 5.64 -11.30
CA PRO B 263 4.69 6.33 -10.30
C PRO B 263 4.96 5.79 -8.89
N CYS B 264 5.19 6.70 -7.94
CA CYS B 264 5.58 6.26 -6.62
C CYS B 264 4.41 5.56 -5.86
N GLY B 265 3.15 5.74 -6.30
CA GLY B 265 2.06 4.95 -5.60
C GLY B 265 2.15 3.49 -6.03
N THR B 266 2.93 3.18 -7.08
CA THR B 266 3.23 1.74 -7.42
C THR B 266 4.51 1.27 -6.74
N THR B 267 5.58 2.05 -6.89
CA THR B 267 6.87 1.61 -6.41
C THR B 267 7.03 1.67 -4.89
N LEU B 268 6.44 2.64 -4.20
CA LEU B 268 6.66 2.74 -2.74
C LEU B 268 6.00 1.61 -1.98
N PRO B 269 4.76 1.21 -2.33
CA PRO B 269 4.16 0.07 -1.55
C PRO B 269 5.06 -1.19 -1.68
N GLU B 270 5.60 -1.45 -2.88
CA GLU B 270 6.48 -2.60 -3.10
C GLU B 270 7.76 -2.43 -2.26
N ALA B 271 8.40 -1.27 -2.38
CA ALA B 271 9.67 -1.05 -1.70
C ALA B 271 9.56 -1.12 -0.17
N LEU B 272 8.44 -0.61 0.38
CA LEU B 272 8.25 -0.45 1.83
C LEU B 272 7.45 -1.57 2.48
N ALA B 273 7.13 -2.63 1.72
CA ALA B 273 6.30 -3.77 2.32
C ALA B 273 6.96 -4.61 3.48
N THR C 3 22.76 27.64 1.24
CA THR C 3 21.93 28.85 1.45
C THR C 3 20.55 28.46 1.89
N ALA C 4 20.05 29.16 2.90
CA ALA C 4 18.71 28.86 3.41
C ALA C 4 17.63 29.33 2.44
N ARG C 5 18.02 30.00 1.35
CA ARG C 5 17.04 30.79 0.54
C ARG C 5 16.43 29.89 -0.53
C SLL C 6 14.59 29.57 -2.94
N SLL C 6 15.10 29.91 -0.62
O SLL C 6 14.36 30.76 -3.20
CA SLL C 6 14.40 29.02 -1.54
CB SLL C 6 12.94 29.04 -1.09
CD SLL C 6 10.67 27.95 -1.55
CE SLL C 6 9.89 26.90 -2.32
CG SLL C 6 12.13 28.04 -1.99
CK SLL C 6 6.17 26.17 -1.84
CL SLL C 6 5.41 26.80 -3.00
CP SLL C 6 3.94 26.47 -2.95
CX SLL C 6 7.60 26.00 -2.35
OX SLL C 6 7.93 25.09 -3.13
NZ SLL C 6 8.47 26.90 -1.88
OP1 SLL C 6 3.56 25.30 -2.77
OP2 SLL C 6 3.11 27.42 -3.11
N SER C 7 15.02 28.70 -3.85
CA SER C 7 15.23 29.08 -5.25
C SER C 7 15.08 27.91 -6.17
N THR C 8 14.86 28.18 -7.45
CA THR C 8 14.87 27.14 -8.46
C THR C 8 16.26 27.16 -9.08
N GLY C 9 16.96 26.01 -8.98
CA GLY C 9 18.33 25.83 -9.50
C GLY C 9 19.34 26.38 -8.48
N THR D 3 -23.51 -27.44 -0.39
CA THR D 3 -22.29 -27.24 -1.25
C THR D 3 -21.10 -27.01 -0.31
N ALA D 4 -20.70 -28.02 0.41
CA ALA D 4 -19.50 -27.87 1.26
C ALA D 4 -18.26 -28.52 0.66
N ARG D 5 -18.44 -29.35 -0.38
CA ARG D 5 -17.29 -30.12 -1.02
C ARG D 5 -16.42 -29.31 -2.00
C SLL D 6 -13.98 -29.29 -3.94
N SLL D 6 -15.10 -29.35 -1.79
O SLL D 6 -13.75 -30.52 -4.03
CA SLL D 6 -14.15 -28.63 -2.61
CB SLL D 6 -12.81 -28.65 -1.82
CD SLL D 6 -10.50 -27.63 -1.76
CE SLL D 6 -9.47 -26.72 -2.39
CG SLL D 6 -11.81 -27.72 -2.55
CK SLL D 6 -5.99 -25.93 -1.06
CL SLL D 6 -4.93 -26.72 -1.87
CP SLL D 6 -3.51 -26.47 -1.37
CX SLL D 6 -7.21 -25.86 -1.93
OX SLL D 6 -7.26 -25.14 -2.97
NZ SLL D 6 -8.22 -26.70 -1.58
OP1 SLL D 6 -2.71 -27.40 -1.28
OP2 SLL D 6 -3.15 -25.27 -1.14
N SER D 7 -14.14 -28.50 -5.00
CA SER D 7 -13.89 -28.97 -6.42
C SER D 7 -13.36 -27.91 -7.35
N THR D 8 -12.94 -28.30 -8.57
CA THR D 8 -12.66 -27.33 -9.61
C THR D 8 -13.82 -27.37 -10.58
N GLY D 9 -14.32 -26.18 -10.98
CA GLY D 9 -15.23 -26.04 -12.14
C GLY D 9 -14.62 -26.01 -13.59
N GLY D 10 -15.49 -26.19 -14.60
CA GLY D 10 -15.11 -26.11 -16.04
C GLY D 10 -14.49 -27.35 -16.67
ZN ZN E . -2.86 -38.81 16.90
PA NAD F . -6.69 -19.46 -7.75
O1A NAD F . -8.17 -19.38 -7.50
O2A NAD F . -6.02 -19.35 -6.45
O5B NAD F . -6.19 -18.50 -9.00
C5B NAD F . -5.10 -17.63 -8.88
C4B NAD F . -5.58 -16.34 -9.59
O4B NAD F . -4.60 -15.31 -9.38
C3B NAD F . -5.78 -16.41 -11.09
O3B NAD F . -7.08 -15.89 -11.38
C2B NAD F . -4.70 -15.46 -11.66
O2B NAD F . -5.09 -14.76 -12.83
C1B NAD F . -4.57 -14.47 -10.54
N9A NAD F . -3.35 -13.72 -10.49
C8A NAD F . -2.07 -14.19 -10.75
N7A NAD F . -1.18 -13.19 -10.43
C5A NAD F . -1.86 -12.14 -9.91
C6A NAD F . -1.48 -10.92 -9.37
N6A NAD F . -0.19 -10.51 -9.18
N1A NAD F . -2.50 -10.13 -8.92
C2A NAD F . -3.82 -10.46 -8.97
N3A NAD F . -4.24 -11.67 -9.50
C4A NAD F . -3.22 -12.48 -9.92
O3 NAD F . -6.28 -20.89 -8.50
PN NAD F . -4.98 -21.71 -8.64
O1N NAD F . -3.85 -20.69 -8.77
O2N NAD F . -5.31 -22.64 -9.76
O5D NAD F . -4.82 -22.51 -7.23
C5D NAD F . -5.65 -23.59 -6.89
C4D NAD F . -5.93 -23.53 -5.40
O4D NAD F . -4.65 -23.73 -4.68
C3D NAD F . -6.58 -22.25 -4.86
O3D NAD F . -7.53 -22.59 -3.82
C2D NAD F . -5.43 -21.45 -4.28
O2D NAD F . -5.77 -20.53 -3.19
C1D NAD F . -4.47 -22.60 -3.83
N1N NAD F . -3.06 -22.13 -3.93
C2N NAD F . -2.52 -21.48 -2.83
C3N NAD F . -1.28 -20.87 -2.95
C7N NAD F . -0.87 -20.06 -1.75
O7N NAD F . -1.35 -20.51 -0.53
N7N NAD F . -0.19 -18.99 -1.94
C4N NAD F . -0.48 -20.94 -4.10
C5N NAD F . -1.05 -21.65 -5.22
C6N NAD F . -2.36 -22.21 -5.10
ZN ZN G . -2.13 40.25 13.36
PA NAD H . 9.05 19.23 -7.40
O1A NAD H . 10.42 19.21 -6.79
O2A NAD H . 8.11 19.22 -6.29
O5B NAD H . 8.92 18.15 -8.68
C5B NAD H . 7.84 17.22 -8.86
C4B NAD H . 8.47 15.85 -9.27
O4B NAD H . 7.50 14.75 -9.20
C3B NAD H . 9.12 15.76 -10.69
O3B NAD H . 10.47 15.32 -10.60
C2B NAD H . 8.25 14.74 -11.42
O2B NAD H . 8.89 13.95 -12.42
C1B NAD H . 7.80 13.86 -10.26
N9A NAD H . 6.60 13.06 -10.41
C8A NAD H . 5.41 13.43 -11.03
N7A NAD H . 4.53 12.46 -10.83
C5A NAD H . 5.10 11.45 -10.07
C6A NAD H . 4.58 10.24 -9.54
N6A NAD H . 3.30 9.78 -9.73
N1A NAD H . 5.53 9.52 -8.81
C2A NAD H . 6.78 9.93 -8.49
N3A NAD H . 7.27 11.10 -9.04
C4A NAD H . 6.40 11.86 -9.76
O3 NAD H . 8.91 20.58 -8.35
PN NAD H . 7.60 21.35 -8.95
O1N NAD H . 6.56 20.23 -9.29
O2N NAD H . 8.20 22.22 -9.99
O5D NAD H . 7.04 22.18 -7.68
C5D NAD H . 7.79 23.29 -7.23
C4D NAD H . 7.62 23.46 -5.71
O4D NAD H . 6.22 23.58 -5.44
C3D NAD H . 8.11 22.24 -4.91
O3D NAD H . 8.74 22.64 -3.73
C2D NAD H . 6.82 21.46 -4.62
O2D NAD H . 6.79 20.62 -3.45
C1D NAD H . 5.80 22.60 -4.52
N1N NAD H . 4.52 22.05 -4.97
C2N NAD H . 3.74 21.44 -4.01
C3N NAD H . 2.57 20.82 -4.37
C7N NAD H . 1.86 20.08 -3.23
O7N NAD H . 1.95 20.61 -1.97
N7N NAD H . 1.21 18.94 -3.52
C4N NAD H . 2.11 20.81 -5.71
C5N NAD H . 2.92 21.43 -6.67
C6N NAD H . 4.16 22.07 -6.30
#